data_4DZO
#
_entry.id   4DZO
#
_cell.length_a   44.767
_cell.length_b   44.767
_cell.length_c   211.056
_cell.angle_alpha   90.000
_cell.angle_beta   90.000
_cell.angle_gamma   120.000
#
_symmetry.space_group_name_H-M   'P 65'
#
loop_
_entity.id
_entity.type
_entity.pdbx_description
1 polymer 'Mitotic spindle assembly checkpoint protein MAD1'
2 water water
#
_entity_poly.entity_id   1
_entity_poly.type   'polypeptide(L)'
_entity_poly.pdbx_seq_one_letter_code
;GSSKEVAELKKQVESAELKNQRLKEVFQTKIQEFRKACYTLTGYQIDITTENQYRLTSLYAEHPGDCLIFKATSPSGSK
(MSE)QLLETEFSHTVGELIEVHLRRQDSIPAFLSSLTLELFSRQTVA
;
_entity_poly.pdbx_strand_id   A,B
#
# COMPACT_ATOMS: atom_id res chain seq x y z
N SER A 3 33.79 30.14 -21.04
CA SER A 3 33.00 29.72 -22.20
C SER A 3 32.74 28.22 -22.13
N LYS A 4 33.76 27.48 -21.70
CA LYS A 4 33.56 26.06 -21.43
C LYS A 4 32.54 25.88 -20.31
N GLU A 5 32.68 26.68 -19.26
CA GLU A 5 31.84 26.52 -18.08
C GLU A 5 30.40 26.86 -18.43
N VAL A 6 30.22 27.94 -19.19
CA VAL A 6 28.87 28.27 -19.66
C VAL A 6 28.24 27.07 -20.38
N ALA A 7 28.99 26.45 -21.31
CA ALA A 7 28.48 25.29 -22.03
C ALA A 7 28.12 24.14 -21.08
N GLU A 8 28.99 23.89 -20.11
CA GLU A 8 28.77 22.81 -19.16
C GLU A 8 27.53 23.02 -18.30
N LEU A 9 27.34 24.22 -17.77
CA LEU A 9 26.22 24.49 -16.88
C LEU A 9 24.92 24.42 -17.68
N LYS A 10 24.95 24.94 -18.91
CA LYS A 10 23.77 24.85 -19.77
C LYS A 10 23.37 23.40 -19.97
N LYS A 11 24.37 22.57 -20.17
CA LYS A 11 24.15 21.14 -20.34
C LYS A 11 23.49 20.56 -19.09
N GLN A 12 23.97 20.96 -17.92
CA GLN A 12 23.42 20.50 -16.65
C GLN A 12 21.95 20.91 -16.44
N VAL A 13 21.61 22.12 -16.87
CA VAL A 13 20.24 22.60 -16.80
C VAL A 13 19.36 21.72 -17.69
N GLU A 14 19.80 21.47 -18.92
CA GLU A 14 18.98 20.71 -19.85
C GLU A 14 18.80 19.28 -19.37
N SER A 15 19.87 18.70 -18.83
CA SER A 15 19.80 17.33 -18.34
C SER A 15 18.82 17.20 -17.16
N ALA A 16 18.85 18.15 -16.24
CA ALA A 16 17.90 18.11 -15.12
C ALA A 16 16.45 18.27 -15.55
N GLU A 17 16.20 19.09 -16.57
CA GLU A 17 14.83 19.25 -17.07
C GLU A 17 14.33 18.01 -17.76
N LEU A 18 15.22 17.36 -18.51
CA LEU A 18 14.86 16.11 -19.18
C LEU A 18 14.52 15.08 -18.11
N LYS A 19 15.38 14.99 -17.11
CA LYS A 19 15.16 14.04 -16.05
C LYS A 19 13.80 14.31 -15.35
N ASN A 20 13.46 15.57 -15.17
CA ASN A 20 12.20 15.96 -14.54
C ASN A 20 11.02 15.35 -15.27
N GLN A 21 11.04 15.48 -16.60
CA GLN A 21 9.95 14.98 -17.42
C GLN A 21 9.84 13.45 -17.34
N ARG A 22 10.99 12.77 -17.37
CA ARG A 22 11.02 11.32 -17.33
C ARG A 22 10.66 10.79 -15.93
N LEU A 23 11.11 11.42 -14.86
CA LEU A 23 10.70 11.03 -13.51
C LEU A 23 9.21 11.15 -13.25
N LYS A 24 8.59 12.23 -13.72
CA LYS A 24 7.14 12.39 -13.58
C LYS A 24 6.42 11.17 -14.10
N GLU A 25 6.84 10.73 -15.28
CA GLU A 25 6.25 9.57 -15.95
C GLU A 25 6.38 8.32 -15.09
N VAL A 26 7.58 7.99 -14.63
CA VAL A 26 7.75 6.70 -13.99
C VAL A 26 7.18 6.74 -12.57
N PHE A 27 7.13 7.90 -11.93
CA PHE A 27 6.56 7.97 -10.57
C PHE A 27 5.06 7.76 -10.63
N GLN A 28 4.46 8.32 -11.67
CA GLN A 28 3.01 8.23 -11.83
C GLN A 28 2.59 6.78 -11.99
N THR A 29 3.24 6.04 -12.90
CA THR A 29 2.93 4.65 -13.13
C THR A 29 3.25 3.80 -11.92
N LYS A 30 4.32 4.14 -11.20
CA LYS A 30 4.71 3.33 -10.04
C LYS A 30 3.67 3.43 -8.93
N ILE A 31 3.12 4.62 -8.72
CA ILE A 31 2.11 4.83 -7.68
C ILE A 31 0.90 3.95 -8.00
N GLN A 32 0.50 3.93 -9.27
CA GLN A 32 -0.61 3.08 -9.70
C GLN A 32 -0.28 1.61 -9.50
N GLU A 33 0.94 1.22 -9.82
CA GLU A 33 1.35 -0.19 -9.65
C GLU A 33 1.29 -0.60 -8.17
N PHE A 34 1.70 0.29 -7.28
CA PHE A 34 1.66 0.02 -5.84
C PHE A 34 0.24 -0.14 -5.32
N ARG A 35 -0.65 0.79 -5.67
CA ARG A 35 -2.07 0.66 -5.32
C ARG A 35 -2.63 -0.68 -5.83
N LYS A 36 -2.29 -1.04 -7.05
CA LYS A 36 -2.83 -2.27 -7.64
C LYS A 36 -2.25 -3.48 -6.91
N ALA A 37 -0.98 -3.42 -6.53
CA ALA A 37 -0.40 -4.53 -5.77
C ALA A 37 -1.08 -4.70 -4.41
N CYS A 38 -1.37 -3.60 -3.73
CA CYS A 38 -2.07 -3.69 -2.45
C CYS A 38 -3.44 -4.37 -2.63
N TYR A 39 -4.09 -4.06 -3.73
CA TYR A 39 -5.39 -4.63 -4.08
C TYR A 39 -5.28 -6.13 -4.34
N THR A 40 -4.34 -6.51 -5.20
CA THR A 40 -4.14 -7.93 -5.55
C THR A 40 -3.86 -8.79 -4.31
N LEU A 41 -3.05 -8.26 -3.41
CA LEU A 41 -2.68 -8.98 -2.19
C LEU A 41 -3.78 -8.99 -1.11
N THR A 42 -4.23 -7.80 -0.67
CA THR A 42 -5.15 -7.70 0.46
C THR A 42 -6.62 -7.89 0.09
N GLY A 43 -6.94 -7.68 -1.17
CA GLY A 43 -8.30 -7.78 -1.66
C GLY A 43 -9.10 -6.48 -1.52
N TYR A 44 -8.41 -5.39 -1.18
CA TYR A 44 -9.05 -4.07 -1.10
C TYR A 44 -8.38 -3.05 -2.01
N GLN A 45 -9.22 -2.38 -2.81
CA GLN A 45 -8.79 -1.28 -3.62
C GLN A 45 -8.98 0.00 -2.83
N ILE A 46 -7.89 0.73 -2.58
CA ILE A 46 -7.96 1.92 -1.73
C ILE A 46 -7.90 3.16 -2.59
N ASP A 47 -8.88 4.05 -2.40
CA ASP A 47 -8.84 5.38 -3.00
C ASP A 47 -8.65 6.41 -1.90
N ILE A 48 -7.62 7.22 -2.05
CA ILE A 48 -7.41 8.34 -1.16
C ILE A 48 -8.26 9.54 -1.59
N THR A 49 -9.12 10.02 -0.70
CA THR A 49 -10.06 11.10 -1.04
C THR A 49 -9.93 12.26 -0.09
N THR A 50 -10.68 13.31 -0.38
CA THR A 50 -10.59 14.57 0.37
C THR A 50 -11.05 14.44 1.82
N GLU A 51 -10.70 15.41 2.65
CA GLU A 51 -11.10 15.38 4.07
C GLU A 51 -10.56 14.13 4.78
N ASN A 52 -9.37 13.68 4.39
CA ASN A 52 -8.67 12.60 5.08
C ASN A 52 -9.46 11.29 5.08
N GLN A 53 -10.07 10.99 3.93
CA GLN A 53 -10.88 9.78 3.80
C GLN A 53 -10.27 8.78 2.84
N TYR A 54 -10.67 7.53 3.03
CA TYR A 54 -10.20 6.40 2.24
C TYR A 54 -11.40 5.56 1.86
N ARG A 55 -11.63 5.39 0.58
CA ARG A 55 -12.72 4.56 0.09
C ARG A 55 -12.10 3.23 -0.25
N LEU A 56 -12.67 2.17 0.29
CA LEU A 56 -12.19 0.83 0.03
C LEU A 56 -13.27 0.03 -0.69
N THR A 57 -12.84 -0.70 -1.71
CA THR A 57 -13.69 -1.59 -2.47
C THR A 57 -13.12 -3.00 -2.41
N SER A 58 -13.95 -3.98 -2.03
CA SER A 58 -13.52 -5.38 -2.02
C SER A 58 -13.43 -5.96 -3.41
N LEU A 59 -12.39 -6.76 -3.62
CA LEU A 59 -12.29 -7.64 -4.81
C LEU A 59 -13.53 -8.51 -4.98
N TYR A 60 -14.19 -8.82 -3.85
CA TYR A 60 -15.34 -9.73 -3.82
C TYR A 60 -16.66 -8.97 -3.58
N ALA A 61 -16.66 -7.67 -3.88
CA ALA A 61 -17.88 -6.86 -3.76
C ALA A 61 -19.00 -7.50 -4.56
N GLU A 62 -20.22 -7.52 -4.01
CA GLU A 62 -21.32 -8.19 -4.71
C GLU A 62 -21.99 -7.29 -5.74
N HIS A 63 -21.92 -5.98 -5.53
CA HIS A 63 -22.65 -5.04 -6.38
C HIS A 63 -21.79 -3.83 -6.66
N PRO A 64 -21.87 -3.31 -7.88
CA PRO A 64 -21.09 -2.13 -8.24
C PRO A 64 -21.54 -0.97 -7.36
N GLY A 65 -20.57 -0.30 -6.76
CA GLY A 65 -20.87 0.81 -5.88
C GLY A 65 -20.69 0.46 -4.42
N ASP A 66 -20.74 -0.83 -4.10
CA ASP A 66 -20.55 -1.22 -2.70
C ASP A 66 -19.17 -0.81 -2.27
N CYS A 67 -19.10 -0.07 -1.17
CA CYS A 67 -17.81 0.32 -0.63
C CYS A 67 -17.90 0.70 0.83
N LEU A 68 -16.73 0.82 1.43
CA LEU A 68 -16.56 1.29 2.79
C LEU A 68 -15.78 2.60 2.75
N ILE A 69 -16.10 3.51 3.66
CA ILE A 69 -15.32 4.74 3.78
C ILE A 69 -14.76 4.90 5.18
N PHE A 70 -13.47 5.10 5.28
CA PHE A 70 -12.83 5.34 6.55
C PHE A 70 -12.30 6.77 6.58
N LYS A 71 -12.24 7.34 7.76
CA LYS A 71 -11.76 8.68 7.93
C LYS A 71 -10.70 8.72 9.00
N ALA A 72 -9.61 9.42 8.71
CA ALA A 72 -8.56 9.57 9.70
C ALA A 72 -8.89 10.80 10.54
N THR A 73 -8.72 10.70 11.85
CA THR A 73 -8.95 11.85 12.72
C THR A 73 -7.87 12.93 12.57
N SER A 74 -6.81 12.64 11.84
CA SER A 74 -5.74 13.61 11.60
C SER A 74 -5.42 13.76 10.12
N GLY A 77 -3.19 10.49 8.80
CA GLY A 77 -3.56 10.26 10.18
C GLY A 77 -3.49 8.80 10.57
N SER A 78 -3.39 8.55 11.88
CA SER A 78 -3.25 7.19 12.43
C SER A 78 -4.57 6.50 12.82
N LYS A 79 -5.39 7.25 13.54
CA LYS A 79 -6.64 6.73 14.08
C LYS A 79 -7.70 6.84 12.98
N MSE A 80 -8.35 5.72 12.67
CA MSE A 80 -9.34 5.65 11.61
C MSE A 80 -10.71 5.34 12.19
O MSE A 80 -10.82 4.56 13.15
CB MSE A 80 -9.01 4.53 10.64
CG MSE A 80 -7.70 4.69 9.94
SE MSE A 80 -7.96 5.90 8.38
CE MSE A 80 -6.30 5.36 7.41
H MSE A 80 -8.23 4.97 13.08
HA MSE A 80 -9.37 6.51 11.12
HB2 MSE A 80 -8.98 3.70 11.13
HB3 MSE A 80 -9.70 4.49 9.96
HG2 MSE A 80 -7.05 5.09 10.54
HG3 MSE A 80 -7.39 3.82 9.62
HE1 MSE A 80 -6.24 5.86 6.59
HE2 MSE A 80 -5.54 5.56 7.96
HE3 MSE A 80 -6.34 4.42 7.22
N GLN A 81 -11.73 5.92 11.59
CA GLN A 81 -13.13 5.70 11.99
C GLN A 81 -13.90 5.24 10.75
N LEU A 82 -14.77 4.24 10.91
CA LEU A 82 -15.62 3.80 9.79
C LEU A 82 -16.77 4.79 9.63
N LEU A 83 -16.91 5.37 8.44
CA LEU A 83 -18.08 6.20 8.16
C LEU A 83 -19.15 5.32 7.53
N GLU A 84 -20.35 5.86 7.43
CA GLU A 84 -21.45 5.05 6.93
C GLU A 84 -21.60 5.13 5.42
N THR A 85 -21.89 3.98 4.81
CA THR A 85 -22.30 3.88 3.43
C THR A 85 -23.46 2.88 3.36
N GLU A 86 -24.14 2.85 2.22
CA GLU A 86 -25.21 1.88 2.02
C GLU A 86 -24.65 0.49 2.32
N PHE A 87 -23.48 0.17 1.79
CA PHE A 87 -22.92 -1.15 2.04
C PHE A 87 -22.58 -1.41 3.53
N SER A 88 -22.01 -0.44 4.24
CA SER A 88 -21.63 -0.69 5.64
C SER A 88 -22.89 -1.03 6.44
N HIS A 89 -24.04 -0.51 6.02
CA HIS A 89 -25.29 -0.79 6.68
C HIS A 89 -25.77 -2.23 6.49
N THR A 90 -25.09 -2.99 5.64
CA THR A 90 -25.47 -4.39 5.41
C THR A 90 -24.57 -5.39 6.15
N VAL A 91 -23.53 -4.91 6.83
CA VAL A 91 -22.60 -5.75 7.60
C VAL A 91 -22.50 -5.36 9.10
N GLY A 92 -23.68 -5.12 9.70
CA GLY A 92 -23.76 -4.75 11.10
C GLY A 92 -23.09 -5.74 12.03
N GLU A 93 -23.20 -7.04 11.75
CA GLU A 93 -22.67 -8.06 12.65
C GLU A 93 -21.15 -8.02 12.69
N LEU A 94 -20.54 -7.95 11.51
CA LEU A 94 -19.08 -7.83 11.39
C LEU A 94 -18.59 -6.59 12.10
N ILE A 95 -19.35 -5.50 12.01
CA ILE A 95 -18.99 -4.28 12.71
C ILE A 95 -19.02 -4.47 14.19
N GLU A 96 -20.11 -5.08 14.65
CA GLU A 96 -20.28 -5.33 16.06
C GLU A 96 -19.16 -6.20 16.61
N VAL A 97 -18.88 -7.31 15.95
CA VAL A 97 -17.89 -8.26 16.44
C VAL A 97 -16.44 -7.70 16.43
N HIS A 98 -16.06 -7.03 15.36
CA HIS A 98 -14.65 -6.71 15.15
C HIS A 98 -14.32 -5.26 15.41
N LEU A 99 -15.24 -4.34 15.14
CA LEU A 99 -14.97 -2.94 15.48
C LEU A 99 -15.40 -2.58 16.89
N ARG A 100 -16.62 -2.92 17.27
CA ARG A 100 -17.11 -2.50 18.56
C ARG A 100 -16.49 -3.35 19.67
N ARG A 101 -16.45 -4.67 19.49
CA ARG A 101 -15.95 -5.58 20.54
C ARG A 101 -14.45 -5.83 20.51
N GLN A 102 -13.83 -5.82 19.34
CA GLN A 102 -12.37 -6.04 19.31
C GLN A 102 -11.54 -4.74 19.06
N ASP A 103 -12.18 -3.72 18.52
CA ASP A 103 -11.51 -2.49 18.05
C ASP A 103 -10.32 -2.82 17.15
N SER A 104 -10.55 -3.69 16.17
CA SER A 104 -9.52 -4.02 15.17
C SER A 104 -10.06 -3.90 13.76
N ILE A 105 -9.72 -2.81 13.06
CA ILE A 105 -10.12 -2.72 11.65
C ILE A 105 -9.52 -3.88 10.84
N PRO A 106 -8.25 -4.23 11.10
CA PRO A 106 -7.75 -5.34 10.29
C PRO A 106 -8.54 -6.64 10.48
N ALA A 107 -8.98 -6.92 11.70
CA ALA A 107 -9.79 -8.13 11.90
C ALA A 107 -11.14 -7.96 11.19
N PHE A 108 -11.72 -6.77 11.29
CA PHE A 108 -12.97 -6.48 10.57
C PHE A 108 -12.84 -6.71 9.05
N LEU A 109 -11.86 -6.10 8.42
CA LEU A 109 -11.72 -6.21 6.97
C LEU A 109 -11.34 -7.64 6.55
N SER A 110 -10.56 -8.32 7.41
CA SER A 110 -10.17 -9.69 7.10
C SER A 110 -11.42 -10.60 7.11
N SER A 111 -12.20 -10.49 8.17
CA SER A 111 -13.43 -11.25 8.28
C SER A 111 -14.41 -10.92 7.14
N LEU A 112 -14.46 -9.64 6.77
CA LEU A 112 -15.35 -9.22 5.68
C LEU A 112 -14.90 -9.85 4.36
N THR A 113 -13.60 -9.85 4.12
CA THR A 113 -13.09 -10.50 2.92
C THR A 113 -13.50 -11.98 2.90
N LEU A 114 -13.39 -12.69 4.02
CA LEU A 114 -13.77 -14.09 4.05
C LEU A 114 -15.28 -14.27 3.87
N GLU A 115 -16.07 -13.36 4.43
CA GLU A 115 -17.52 -13.40 4.26
C GLU A 115 -17.91 -13.21 2.78
N LEU A 116 -17.36 -12.17 2.16
CA LEU A 116 -17.69 -11.92 0.76
C LEU A 116 -17.19 -13.05 -0.15
N PHE A 117 -16.00 -13.55 0.11
CA PHE A 117 -15.50 -14.71 -0.62
C PHE A 117 -16.46 -15.88 -0.49
N SER A 118 -16.99 -16.12 0.73
CA SER A 118 -17.91 -17.25 0.93
C SER A 118 -19.22 -17.09 0.13
N ARG A 119 -19.57 -15.86 -0.22
CA ARG A 119 -20.82 -15.57 -0.90
C ARG A 119 -20.76 -15.90 -2.36
N GLN A 120 -19.56 -15.94 -2.91
CA GLN A 120 -19.43 -16.40 -4.28
C GLN A 120 -18.91 -17.83 -4.28
N THR A 121 -18.54 -18.29 -3.08
CA THR A 121 -17.90 -19.59 -2.88
C THR A 121 -18.80 -20.50 -2.05
N GLY B 1 37.72 34.76 -13.43
CA GLY B 1 36.82 35.90 -13.41
C GLY B 1 35.56 35.59 -12.64
N SER B 2 34.64 36.55 -12.64
CA SER B 2 33.45 36.47 -11.82
C SER B 2 32.21 36.64 -12.68
N SER B 3 32.17 35.93 -13.81
CA SER B 3 31.10 36.12 -14.79
C SER B 3 29.72 36.10 -14.12
N LYS B 4 28.94 37.17 -14.35
CA LYS B 4 27.57 37.24 -13.89
C LYS B 4 26.73 36.14 -14.51
N GLU B 5 26.94 35.89 -15.80
CA GLU B 5 26.22 34.86 -16.52
C GLU B 5 26.46 33.49 -15.88
N VAL B 6 27.71 33.20 -15.58
CA VAL B 6 28.04 31.94 -14.94
C VAL B 6 27.32 31.77 -13.59
N ALA B 7 27.33 32.83 -12.79
CA ALA B 7 26.71 32.78 -11.48
C ALA B 7 25.23 32.48 -11.62
N GLU B 8 24.59 33.10 -12.61
CA GLU B 8 23.17 32.91 -12.80
C GLU B 8 22.87 31.48 -13.29
N LEU B 9 23.75 30.94 -14.14
CA LEU B 9 23.58 29.57 -14.59
C LEU B 9 23.70 28.56 -13.42
N LYS B 10 24.61 28.83 -12.49
CA LYS B 10 24.77 27.99 -11.29
C LYS B 10 23.46 27.98 -10.52
N LYS B 11 22.80 29.13 -10.45
CA LYS B 11 21.55 29.24 -9.72
C LYS B 11 20.48 28.50 -10.49
N GLN B 12 20.51 28.57 -11.82
CA GLN B 12 19.57 27.77 -12.61
C GLN B 12 19.74 26.27 -12.38
N VAL B 13 20.99 25.81 -12.31
CA VAL B 13 21.27 24.40 -12.02
C VAL B 13 20.74 24.00 -10.62
N GLU B 14 21.06 24.81 -9.63
CA GLU B 14 20.61 24.54 -8.28
C GLU B 14 19.09 24.44 -8.23
N SER B 15 18.41 25.35 -8.94
CA SER B 15 16.95 25.37 -8.92
C SER B 15 16.41 24.11 -9.57
N ALA B 16 16.98 23.72 -10.72
CA ALA B 16 16.54 22.51 -11.43
C ALA B 16 16.76 21.24 -10.61
N GLU B 17 17.90 21.15 -9.93
CA GLU B 17 18.15 20.00 -9.06
C GLU B 17 17.21 19.92 -7.86
N LEU B 18 16.90 21.08 -7.29
CA LEU B 18 15.96 21.14 -6.18
C LEU B 18 14.58 20.72 -6.66
N LYS B 19 14.20 21.17 -7.84
CA LYS B 19 12.91 20.78 -8.40
C LYS B 19 12.78 19.26 -8.53
N ASN B 20 13.84 18.60 -8.98
CA ASN B 20 13.82 17.15 -9.09
C ASN B 20 13.74 16.46 -7.74
N GLN B 21 14.40 17.03 -6.74
CA GLN B 21 14.36 16.50 -5.39
C GLN B 21 12.95 16.61 -4.84
N ARG B 22 12.31 17.76 -5.08
CA ARG B 22 10.91 17.93 -4.65
C ARG B 22 9.98 16.92 -5.31
N LEU B 23 10.22 16.60 -6.58
CA LEU B 23 9.42 15.63 -7.31
C LEU B 23 9.56 14.25 -6.65
N LYS B 24 10.79 13.90 -6.33
CA LYS B 24 11.05 12.63 -5.68
C LYS B 24 10.32 12.56 -4.31
N GLU B 25 10.38 13.64 -3.57
CA GLU B 25 9.74 13.70 -2.27
C GLU B 25 8.23 13.51 -2.35
N VAL B 26 7.60 14.11 -3.36
CA VAL B 26 6.16 13.99 -3.54
C VAL B 26 5.81 12.52 -3.82
N PHE B 27 6.60 11.87 -4.68
CA PHE B 27 6.44 10.46 -4.96
C PHE B 27 6.57 9.62 -3.70
N GLN B 28 7.64 9.84 -2.95
CA GLN B 28 7.88 9.05 -1.75
C GLN B 28 6.73 9.24 -0.76
N THR B 29 6.28 10.48 -0.63
CA THR B 29 5.17 10.81 0.25
C THR B 29 3.86 10.11 -0.14
N LYS B 30 3.58 10.05 -1.44
CA LYS B 30 2.38 9.40 -1.94
C LYS B 30 2.43 7.91 -1.65
N ILE B 31 3.57 7.27 -1.88
CA ILE B 31 3.69 5.84 -1.64
C ILE B 31 3.54 5.60 -0.13
N GLN B 32 4.18 6.44 0.66
CA GLN B 32 4.19 6.23 2.11
C GLN B 32 2.80 6.40 2.72
N GLU B 33 2.06 7.40 2.23
CA GLU B 33 0.67 7.63 2.61
C GLU B 33 -0.20 6.42 2.29
N PHE B 34 -0.04 5.89 1.09
CA PHE B 34 -0.78 4.73 0.70
C PHE B 34 -0.43 3.53 1.57
N ARG B 35 0.85 3.33 1.76
CA ARG B 35 1.34 2.24 2.59
C ARG B 35 0.79 2.34 4.02
N LYS B 36 0.79 3.54 4.56
CA LYS B 36 0.32 3.77 5.93
C LYS B 36 -1.18 3.43 6.06
N ALA B 37 -1.97 3.90 5.11
CA ALA B 37 -3.40 3.60 5.10
C ALA B 37 -3.65 2.08 4.97
N CYS B 38 -2.97 1.41 4.06
CA CYS B 38 -3.10 -0.03 3.91
C CYS B 38 -2.71 -0.77 5.19
N TYR B 39 -1.63 -0.32 5.81
CA TYR B 39 -1.12 -0.98 7.05
C TYR B 39 -2.15 -0.83 8.17
N THR B 40 -2.67 0.38 8.31
CA THR B 40 -3.59 0.69 9.42
C THR B 40 -4.93 -0.07 9.26
N LEU B 41 -5.40 -0.14 8.03
CA LEU B 41 -6.72 -0.72 7.73
C LEU B 41 -6.68 -2.24 7.55
N THR B 42 -5.75 -2.76 6.76
CA THR B 42 -5.73 -4.20 6.48
C THR B 42 -4.80 -4.95 7.41
N GLY B 43 -3.91 -4.25 8.07
CA GLY B 43 -2.94 -4.89 8.95
C GLY B 43 -1.63 -5.33 8.28
N TYR B 44 -1.45 -4.99 7.01
CA TYR B 44 -0.20 -5.32 6.32
C TYR B 44 0.54 -4.08 5.86
N GLN B 45 1.80 -4.01 6.26
CA GLN B 45 2.75 -3.04 5.75
C GLN B 45 3.37 -3.65 4.50
N ILE B 46 3.17 -3.00 3.36
CA ILE B 46 3.62 -3.54 2.09
C ILE B 46 4.80 -2.74 1.56
N ASP B 47 5.97 -3.38 1.55
CA ASP B 47 7.21 -2.74 1.11
C ASP B 47 7.70 -3.36 -0.19
N ILE B 48 8.58 -2.63 -0.87
CA ILE B 48 9.21 -3.12 -2.10
C ILE B 48 10.68 -3.45 -1.81
N THR B 49 11.09 -4.68 -2.10
CA THR B 49 12.45 -5.10 -1.82
C THR B 49 13.41 -4.72 -2.94
N THR B 50 14.70 -4.86 -2.65
CA THR B 50 15.76 -4.54 -3.59
C THR B 50 15.62 -5.32 -4.90
N GLU B 51 15.05 -6.52 -4.81
CA GLU B 51 14.82 -7.36 -5.99
C GLU B 51 13.40 -7.22 -6.58
N ASN B 52 12.70 -6.14 -6.25
CA ASN B 52 11.41 -5.83 -6.88
C ASN B 52 10.31 -6.82 -6.52
N GLN B 53 10.50 -7.46 -5.38
CA GLN B 53 9.46 -8.22 -4.74
C GLN B 53 8.68 -7.34 -3.77
N TYR B 54 7.63 -7.91 -3.20
CA TYR B 54 6.81 -7.24 -2.19
C TYR B 54 6.96 -7.91 -0.86
N ARG B 55 7.36 -7.15 0.15
CA ARG B 55 7.57 -7.71 1.47
C ARG B 55 6.44 -7.26 2.34
N LEU B 56 5.68 -8.22 2.87
CA LEU B 56 4.54 -7.91 3.69
C LEU B 56 4.86 -8.18 5.14
N THR B 57 4.58 -7.22 6.01
CA THR B 57 4.75 -7.47 7.43
C THR B 57 3.45 -7.15 8.14
N SER B 58 3.06 -8.02 9.05
CA SER B 58 1.79 -7.87 9.74
C SER B 58 1.94 -6.98 10.92
N LEU B 59 0.93 -6.15 11.12
CA LEU B 59 0.77 -5.39 12.35
C LEU B 59 0.88 -6.28 13.59
N TYR B 60 0.39 -7.51 13.47
CA TYR B 60 0.40 -8.47 14.59
C TYR B 60 1.52 -9.52 14.52
N ALA B 61 2.59 -9.22 13.79
CA ALA B 61 3.70 -10.16 13.68
C ALA B 61 4.20 -10.56 15.08
N GLU B 62 4.51 -11.85 15.25
CA GLU B 62 4.96 -12.38 16.55
C GLU B 62 6.37 -11.97 16.88
N HIS B 63 7.22 -11.90 15.85
CA HIS B 63 8.64 -11.66 16.06
C HIS B 63 9.23 -10.68 15.07
N PRO B 64 10.23 -9.94 15.52
CA PRO B 64 10.99 -9.07 14.63
C PRO B 64 11.39 -9.85 13.40
N GLY B 65 11.13 -9.30 12.21
CA GLY B 65 11.63 -9.91 10.99
C GLY B 65 10.72 -10.94 10.35
N ASP B 66 9.64 -11.30 11.03
CA ASP B 66 8.65 -12.18 10.41
C ASP B 66 8.03 -11.44 9.24
N CYS B 67 8.10 -12.03 8.05
CA CYS B 67 7.47 -11.43 6.87
C CYS B 67 7.10 -12.46 5.80
N LEU B 68 6.29 -12.03 4.84
CA LEU B 68 6.00 -12.81 3.65
C LEU B 68 6.55 -12.06 2.47
N ILE B 69 7.02 -12.79 1.48
CA ILE B 69 7.47 -12.16 0.26
C ILE B 69 6.64 -12.68 -0.92
N PHE B 70 6.17 -11.76 -1.74
CA PHE B 70 5.43 -12.08 -2.97
C PHE B 70 6.15 -11.43 -4.17
N LYS B 71 6.13 -12.12 -5.30
CA LYS B 71 6.76 -11.58 -6.49
C LYS B 71 5.71 -11.59 -7.57
N ALA B 72 5.66 -10.54 -8.39
CA ALA B 72 4.68 -10.50 -9.48
C ALA B 72 5.07 -11.51 -10.57
N THR B 73 4.08 -12.13 -11.19
CA THR B 73 4.30 -13.02 -12.34
C THR B 73 3.56 -12.53 -13.58
N GLY B 77 1.88 -8.13 -13.48
CA GLY B 77 1.61 -7.63 -12.15
C GLY B 77 0.31 -8.14 -11.53
N SER B 78 -0.63 -8.53 -12.38
CA SER B 78 -1.94 -9.01 -11.94
C SER B 78 -1.84 -10.31 -11.12
N LYS B 79 -0.75 -11.05 -11.31
CA LYS B 79 -0.56 -12.30 -10.58
C LYS B 79 0.65 -12.22 -9.66
N MSE B 80 0.51 -12.84 -8.49
CA MSE B 80 1.56 -12.84 -7.49
C MSE B 80 1.89 -14.27 -7.13
O MSE B 80 0.99 -15.12 -7.10
CB MSE B 80 1.09 -12.11 -6.23
CG MSE B 80 0.78 -10.65 -6.43
SE MSE B 80 2.38 -9.52 -6.37
CE MSE B 80 1.44 -7.80 -6.47
H MSE B 80 -0.20 -13.25 -8.24
HA MSE B 80 2.36 -12.39 -7.84
HB2 MSE B 80 0.29 -12.55 -5.89
HB3 MSE B 80 1.79 -12.18 -5.56
HG2 MSE B 80 0.36 -10.53 -7.30
HG3 MSE B 80 0.18 -10.35 -5.73
HE1 MSE B 80 2.09 -7.09 -6.46
HE2 MSE B 80 0.94 -7.77 -7.29
HE3 MSE B 80 0.85 -7.72 -5.72
N GLN B 81 3.15 -14.55 -6.87
CA GLN B 81 3.52 -15.84 -6.32
C GLN B 81 4.27 -15.66 -5.00
N LEU B 82 3.91 -16.45 -4.02
CA LEU B 82 4.61 -16.46 -2.75
C LEU B 82 6.01 -17.07 -2.88
N LEU B 83 7.00 -16.38 -2.30
CA LEU B 83 8.34 -16.92 -2.16
C LEU B 83 8.50 -17.39 -0.74
N GLU B 84 9.38 -18.35 -0.53
CA GLU B 84 9.47 -18.96 0.78
C GLU B 84 10.28 -18.07 1.74
N THR B 85 9.84 -18.00 3.00
CA THR B 85 10.58 -17.27 4.02
C THR B 85 10.56 -18.09 5.30
N GLU B 86 11.44 -17.73 6.24
CA GLU B 86 11.41 -18.34 7.56
C GLU B 86 9.97 -18.38 8.04
N PHE B 87 9.26 -17.28 7.87
CA PHE B 87 7.93 -17.18 8.46
C PHE B 87 6.91 -18.00 7.67
N SER B 88 7.01 -18.00 6.37
CA SER B 88 6.01 -18.70 5.58
C SER B 88 6.08 -20.21 5.79
N HIS B 89 7.26 -20.75 6.08
CA HIS B 89 7.37 -22.18 6.32
C HIS B 89 6.62 -22.57 7.60
N THR B 90 6.41 -21.59 8.48
CA THR B 90 5.67 -21.84 9.71
C THR B 90 4.15 -21.78 9.55
N VAL B 91 3.66 -21.27 8.43
CA VAL B 91 2.20 -21.18 8.21
C VAL B 91 1.77 -22.03 7.02
N GLY B 92 2.40 -23.19 6.87
CA GLY B 92 2.13 -24.09 5.77
C GLY B 92 0.66 -24.45 5.61
N GLU B 93 -0.04 -24.60 6.72
CA GLU B 93 -1.44 -25.00 6.67
C GLU B 93 -2.30 -23.87 6.13
N LEU B 94 -2.16 -22.66 6.68
CA LEU B 94 -2.91 -21.53 6.12
C LEU B 94 -2.62 -21.41 4.64
N ILE B 95 -1.36 -21.59 4.25
CA ILE B 95 -0.98 -21.51 2.86
C ILE B 95 -1.74 -22.56 2.05
N GLU B 96 -1.74 -23.81 2.53
CA GLU B 96 -2.39 -24.87 1.79
C GLU B 96 -3.87 -24.60 1.65
N VAL B 97 -4.52 -24.36 2.78
CA VAL B 97 -5.96 -24.16 2.84
C VAL B 97 -6.40 -22.96 1.97
N HIS B 98 -5.73 -21.83 2.09
CA HIS B 98 -6.28 -20.62 1.50
C HIS B 98 -5.56 -20.21 0.23
N LEU B 99 -4.25 -20.18 0.26
CA LEU B 99 -3.51 -19.68 -0.91
C LEU B 99 -3.54 -20.68 -2.03
N ARG B 100 -3.29 -21.93 -1.71
CA ARG B 100 -3.26 -22.98 -2.72
C ARG B 100 -4.67 -23.46 -3.07
N ARG B 101 -5.39 -23.96 -2.07
CA ARG B 101 -6.66 -24.65 -2.34
C ARG B 101 -7.81 -23.71 -2.71
N GLN B 102 -7.97 -22.58 -2.01
CA GLN B 102 -9.01 -21.61 -2.36
C GLN B 102 -8.53 -20.68 -3.46
N ASP B 103 -7.24 -20.75 -3.77
CA ASP B 103 -6.62 -19.95 -4.85
C ASP B 103 -6.87 -18.46 -4.65
N SER B 104 -6.68 -17.99 -3.42
CA SER B 104 -6.99 -16.59 -3.09
C SER B 104 -5.94 -15.99 -2.16
N ILE B 105 -5.20 -15.00 -2.64
CA ILE B 105 -4.24 -14.36 -1.77
C ILE B 105 -4.98 -13.58 -0.70
N PRO B 106 -6.04 -12.87 -1.08
CA PRO B 106 -6.75 -12.15 -0.01
C PRO B 106 -7.32 -13.07 1.07
N ALA B 107 -7.88 -14.23 0.73
CA ALA B 107 -8.36 -15.12 1.76
C ALA B 107 -7.23 -15.59 2.66
N PHE B 108 -6.08 -15.85 2.07
CA PHE B 108 -4.92 -16.31 2.82
C PHE B 108 -4.45 -15.24 3.81
N LEU B 109 -4.23 -14.03 3.31
CA LEU B 109 -3.76 -12.95 4.16
C LEU B 109 -4.80 -12.60 5.23
N SER B 110 -6.07 -12.70 4.87
CA SER B 110 -7.16 -12.41 5.82
C SER B 110 -7.15 -13.44 6.95
N SER B 111 -7.02 -14.70 6.56
CA SER B 111 -6.95 -15.75 7.56
C SER B 111 -5.71 -15.61 8.45
N LEU B 112 -4.61 -15.22 7.84
CA LEU B 112 -3.39 -15.03 8.61
C LEU B 112 -3.51 -13.87 9.59
N THR B 113 -4.06 -12.74 9.13
CA THR B 113 -4.30 -11.63 10.04
C THR B 113 -5.11 -12.05 11.26
N LEU B 114 -6.18 -12.81 11.03
CA LEU B 114 -7.01 -13.28 12.17
C LEU B 114 -6.26 -14.22 13.11
N GLU B 115 -5.47 -15.14 12.57
CA GLU B 115 -4.64 -16.02 13.42
C GLU B 115 -3.61 -15.23 14.24
N LEU B 116 -2.93 -14.27 13.60
CA LEU B 116 -1.89 -13.52 14.31
C LEU B 116 -2.55 -12.62 15.35
N PHE B 117 -3.74 -12.12 15.04
CA PHE B 117 -4.44 -11.22 15.95
C PHE B 117 -4.79 -12.03 17.17
N SER B 118 -5.20 -13.28 16.93
CA SER B 118 -5.52 -14.17 18.03
C SER B 118 -4.28 -14.43 18.91
N ARG B 119 -3.13 -14.63 18.29
CA ARG B 119 -1.90 -14.90 19.03
C ARG B 119 -1.44 -13.68 19.83
N GLN B 120 -1.74 -12.52 19.29
CA GLN B 120 -1.34 -11.23 19.87
C GLN B 120 -1.97 -10.99 21.23
N THR B 121 -3.14 -11.56 21.45
CA THR B 121 -3.89 -11.26 22.68
C THR B 121 -3.86 -12.42 23.67
N VAL B 122 -3.08 -13.46 23.36
CA VAL B 122 -2.91 -14.58 24.30
C VAL B 122 -2.10 -14.08 25.49
N ALA B 123 -2.54 -14.47 26.69
CA ALA B 123 -1.79 -14.19 27.88
C ALA B 123 -2.36 -15.10 28.95
#